data_2ZBZ
#
_entry.id   2ZBZ
#
_cell.length_a   53.152
_cell.length_b   53.671
_cell.length_c   138.881
_cell.angle_alpha   90.00
_cell.angle_beta   90.00
_cell.angle_gamma   90.00
#
_symmetry.space_group_name_H-M   'P 21 21 21'
#
loop_
_entity.id
_entity.type
_entity.pdbx_description
1 polymer 'Cytochrome P450-SU1'
2 non-polymer 'PROTOPORPHYRIN IX CONTAINING FE'
3 non-polymer 5-{2-[1-(5-HYDROXY-1,5-DIMETHYL-HEXYL)-7A-METHYL-OCTAHYDRO-INDEN-4-YLIDENE]-ETHYLIDENE}-4-METHYLENE-CYCLOHEXANE-1,3-DIOL
4 water water
#
_entity_poly.entity_id   1
_entity_poly.type   'polypeptide(L)'
_entity_poly.pdbx_seq_one_letter_code
;MTDTATTPQTTDAPAFPSNRSCPYQLPDGYAQLRDTPGPLHRVTLYDGRQAWVVTKHEAARKLLGDPRLSSNRTDDNFPA
TSPAFEAVRESPQAFIGLDPPEHGTRRRMTISEFTVKRIKGMRPEVEEVVHGFLDEMLAAGPTADLVSQFALPVPSMVIC
RLLGVPYADHEFFQDASKRLVQSTDAQSALTARNDLAGYLDGLITQFQTEPGAGLVGALVADQLANGEIDREELISTAML
LLIAGHETTASMTSLSVITLLDHPEQYAALRADRSLVPGAVEELLRYLAIADIAGGRVATADIEVEGQLIRAGEGVIVVN
SIANRDGTVYEDPDALDIHRSARHHLAFGFGVHQCLGQNLARLELEVILNALMDRVPTLRLAVPVEQLVLRPGTTIQGVN
ELPVTWHHHHHH
;
_entity_poly.pdbx_strand_id   A
#
loop_
_chem_comp.id
_chem_comp.type
_chem_comp.name
_chem_comp.formula
HEM non-polymer 'PROTOPORPHYRIN IX CONTAINING FE' 'C34 H32 Fe N4 O4'
VDX non-polymer 5-{2-[1-(5-HYDROXY-1,5-DIMETHYL-HEXYL)-7A-METHYL-OCTAHYDRO-INDEN-4-YLIDENE]-ETHYLIDENE}-4-METHYLENE-CYCLOHEXANE-1,3-DIOL 'C27 H44 O3'
#
# COMPACT_ATOMS: atom_id res chain seq x y z
N THR A 4 -40.81 -2.70 -8.62
CA THR A 4 -39.52 -3.27 -8.13
C THR A 4 -39.03 -4.41 -9.03
N ALA A 5 -37.79 -4.82 -8.83
CA ALA A 5 -37.17 -5.90 -9.62
C ALA A 5 -37.80 -7.25 -9.30
N THR A 6 -38.46 -7.84 -10.31
CA THR A 6 -39.22 -9.07 -10.13
C THR A 6 -38.57 -10.26 -10.85
N THR A 7 -37.35 -10.08 -11.33
CA THR A 7 -36.63 -11.09 -12.12
C THR A 7 -35.27 -11.42 -11.48
N PRO A 8 -34.64 -12.55 -11.90
CA PRO A 8 -33.33 -12.98 -11.38
C PRO A 8 -32.27 -11.88 -11.44
N GLN A 9 -31.39 -11.86 -10.45
CA GLN A 9 -30.50 -10.72 -10.24
C GLN A 9 -29.02 -10.96 -10.60
N THR A 10 -28.71 -12.15 -11.11
CA THR A 10 -27.37 -12.49 -11.57
C THR A 10 -26.85 -11.45 -12.57
N THR A 11 -25.57 -11.11 -12.42
CA THR A 11 -24.91 -10.17 -13.31
C THR A 11 -23.62 -10.77 -13.86
N ASP A 12 -23.17 -10.26 -15.01
CA ASP A 12 -21.87 -10.67 -15.55
C ASP A 12 -20.83 -9.56 -15.33
N ALA A 13 -21.23 -8.50 -14.63
CA ALA A 13 -20.34 -7.41 -14.23
C ALA A 13 -20.52 -7.08 -12.74
N PRO A 14 -20.00 -7.95 -11.85
CA PRO A 14 -20.22 -7.79 -10.41
C PRO A 14 -19.71 -6.47 -9.82
N ALA A 15 -20.30 -6.06 -8.71
CA ALA A 15 -19.87 -4.87 -7.99
C ALA A 15 -18.42 -5.04 -7.55
N PHE A 16 -17.63 -3.97 -7.73
CA PHE A 16 -16.21 -3.98 -7.41
C PHE A 16 -15.80 -2.59 -6.91
N PRO A 17 -14.97 -2.51 -5.84
CA PRO A 17 -14.35 -3.63 -5.10
C PRO A 17 -15.29 -4.36 -4.13
N SER A 18 -14.75 -5.38 -3.47
CA SER A 18 -15.46 -6.11 -2.43
C SER A 18 -14.63 -6.10 -1.15
N ASN A 19 -15.28 -6.37 -0.02
CA ASN A 19 -14.62 -6.36 1.28
C ASN A 19 -14.13 -7.73 1.70
N ARG A 20 -12.96 -7.77 2.34
CA ARG A 20 -12.47 -9.00 2.96
C ARG A 20 -13.27 -9.32 4.21
N SER A 21 -13.55 -10.61 4.40
CA SER A 21 -14.16 -11.11 5.63
C SER A 21 -13.10 -11.82 6.48
N CYS A 22 -12.06 -12.32 5.81
CA CYS A 22 -10.88 -12.87 6.46
C CYS A 22 -9.67 -12.02 6.06
N PRO A 23 -8.83 -11.63 7.05
CA PRO A 23 -7.68 -10.74 6.81
C PRO A 23 -6.72 -11.23 5.72
N TYR A 24 -6.57 -12.55 5.60
CA TYR A 24 -5.57 -13.14 4.71
C TYR A 24 -6.16 -14.04 3.63
N GLN A 25 -7.43 -13.81 3.31
CA GLN A 25 -8.10 -14.56 2.25
C GLN A 25 -8.84 -13.61 1.34
N LEU A 26 -8.97 -13.96 0.06
CA LEU A 26 -9.72 -13.15 -0.90
C LEU A 26 -11.19 -13.04 -0.49
N PRO A 27 -11.80 -11.87 -0.72
CA PRO A 27 -13.26 -11.79 -0.64
C PRO A 27 -13.84 -12.85 -1.56
N ASP A 28 -15.00 -13.40 -1.21
CA ASP A 28 -15.64 -14.45 -2.01
C ASP A 28 -15.74 -14.07 -3.49
N GLY A 29 -16.13 -12.82 -3.75
CA GLY A 29 -16.24 -12.31 -5.11
C GLY A 29 -14.93 -12.29 -5.88
N TYR A 30 -13.83 -12.08 -5.15
CA TYR A 30 -12.49 -12.05 -5.74
C TYR A 30 -12.03 -13.46 -6.07
N ALA A 31 -12.35 -14.42 -5.20
CA ALA A 31 -12.09 -15.84 -5.46
C ALA A 31 -12.85 -16.29 -6.70
N GLN A 32 -14.07 -15.79 -6.86
CA GLN A 32 -14.89 -16.05 -8.04
C GLN A 32 -14.18 -15.60 -9.33
N LEU A 33 -13.69 -14.36 -9.31
CA LEU A 33 -12.94 -13.80 -10.45
C LEU A 33 -11.64 -14.56 -10.74
N ARG A 34 -10.97 -15.00 -9.68
CA ARG A 34 -9.72 -15.77 -9.80
C ARG A 34 -9.94 -17.09 -10.50
N ASP A 35 -11.08 -17.73 -10.21
CA ASP A 35 -11.43 -19.05 -10.76
C ASP A 35 -11.97 -18.97 -12.19
N THR A 36 -12.43 -17.79 -12.59
CA THR A 36 -13.02 -17.58 -13.91
C THR A 36 -11.91 -17.55 -14.97
N PRO A 37 -12.07 -18.35 -16.06
CA PRO A 37 -11.08 -18.39 -17.13
C PRO A 37 -10.86 -17.03 -17.81
N GLY A 38 -9.66 -16.80 -18.29
CA GLY A 38 -9.34 -15.57 -19.01
C GLY A 38 -8.67 -14.54 -18.13
N PRO A 39 -7.84 -13.67 -18.73
CA PRO A 39 -7.10 -12.63 -18.02
C PRO A 39 -7.96 -11.48 -17.50
N LEU A 40 -9.14 -11.28 -18.11
CA LEU A 40 -9.96 -10.11 -17.81
C LEU A 40 -11.38 -10.46 -17.38
N HIS A 41 -11.97 -9.59 -16.57
CA HIS A 41 -13.39 -9.71 -16.23
C HIS A 41 -14.03 -8.35 -16.06
N ARG A 42 -15.26 -8.24 -16.54
CA ARG A 42 -16.06 -7.04 -16.37
C ARG A 42 -16.48 -6.87 -14.92
N VAL A 43 -16.48 -5.62 -14.46
CA VAL A 43 -16.99 -5.26 -13.14
C VAL A 43 -17.79 -3.97 -13.24
N THR A 44 -18.60 -3.70 -12.21
CA THR A 44 -19.31 -2.44 -12.11
C THR A 44 -18.76 -1.64 -10.93
N LEU A 45 -18.28 -0.44 -11.23
CA LEU A 45 -17.74 0.44 -10.18
C LEU A 45 -18.87 1.13 -9.43
N TYR A 46 -18.51 1.80 -8.33
CA TYR A 46 -19.47 2.42 -7.42
C TYR A 46 -20.44 3.38 -8.11
N ASP A 47 -19.99 4.01 -9.19
CA ASP A 47 -20.78 5.03 -9.90
C ASP A 47 -21.62 4.45 -11.05
N GLY A 48 -21.60 3.12 -11.22
CA GLY A 48 -22.39 2.45 -12.24
C GLY A 48 -21.66 2.18 -13.53
N ARG A 49 -20.49 2.81 -13.72
CA ARG A 49 -19.68 2.62 -14.91
C ARG A 49 -19.02 1.25 -14.90
N GLN A 50 -18.85 0.66 -16.07
CA GLN A 50 -18.19 -0.64 -16.17
C GLN A 50 -16.71 -0.47 -16.46
N ALA A 51 -15.91 -1.36 -15.89
CA ALA A 51 -14.47 -1.40 -16.11
C ALA A 51 -14.01 -2.86 -16.18
N TRP A 52 -12.76 -3.05 -16.59
CA TRP A 52 -12.16 -4.38 -16.59
C TRP A 52 -11.30 -4.56 -15.34
N VAL A 53 -11.27 -5.78 -14.81
CA VAL A 53 -10.23 -6.17 -13.84
C VAL A 53 -9.33 -7.24 -14.46
N VAL A 54 -8.05 -7.19 -14.10
CA VAL A 54 -7.09 -8.20 -14.53
C VAL A 54 -6.92 -9.20 -13.39
N THR A 55 -7.11 -10.48 -13.70
CA THR A 55 -7.30 -11.52 -12.68
C THR A 55 -6.28 -12.66 -12.74
N LYS A 56 -5.27 -12.53 -13.61
CA LYS A 56 -4.26 -13.55 -13.76
C LYS A 56 -2.86 -12.93 -13.70
N HIS A 57 -1.88 -13.71 -13.26
CA HIS A 57 -0.55 -13.21 -12.93
C HIS A 57 0.24 -12.68 -14.12
N GLU A 58 0.43 -13.51 -15.16
CA GLU A 58 1.22 -13.10 -16.31
C GLU A 58 0.57 -11.95 -17.09
N ALA A 59 -0.74 -12.06 -17.29
CA ALA A 59 -1.52 -10.99 -17.92
C ALA A 59 -1.41 -9.67 -17.17
N ALA A 60 -1.37 -9.74 -15.84
CA ALA A 60 -1.15 -8.55 -15.01
C ALA A 60 0.20 -7.89 -15.29
N ARG A 61 1.27 -8.68 -15.36
CA ARG A 61 2.61 -8.19 -15.72
C ARG A 61 2.63 -7.55 -17.11
N LYS A 62 2.04 -8.25 -18.08
CA LYS A 62 1.97 -7.74 -19.46
C LYS A 62 1.26 -6.38 -19.52
N LEU A 63 0.09 -6.29 -18.89
CA LEU A 63 -0.70 -5.05 -18.94
C LEU A 63 -0.06 -3.90 -18.14
N LEU A 64 0.53 -4.22 -16.99
CA LEU A 64 1.28 -3.21 -16.22
C LEU A 64 2.50 -2.67 -16.98
N GLY A 65 3.03 -3.48 -17.90
CA GLY A 65 4.14 -3.06 -18.76
C GLY A 65 3.72 -2.35 -20.05
N ASP A 66 2.41 -2.37 -20.34
CA ASP A 66 1.89 -1.83 -21.60
C ASP A 66 1.74 -0.30 -21.55
N PRO A 67 2.48 0.42 -22.43
CA PRO A 67 2.38 1.89 -22.43
C PRO A 67 1.02 2.43 -22.87
N ARG A 68 0.15 1.56 -23.41
CA ARG A 68 -1.22 1.95 -23.78
C ARG A 68 -2.17 2.04 -22.58
N LEU A 69 -1.71 1.58 -21.42
CA LEU A 69 -2.46 1.73 -20.18
C LEU A 69 -1.87 2.85 -19.33
N SER A 70 -2.57 3.99 -19.34
CA SER A 70 -2.12 5.22 -18.71
C SER A 70 -2.46 5.28 -17.22
N SER A 71 -1.59 5.91 -16.44
CA SER A 71 -1.83 6.12 -15.01
C SER A 71 -2.39 7.53 -14.74
N ASN A 72 -2.90 8.17 -15.79
CA ASN A 72 -3.44 9.53 -15.72
C ASN A 72 -4.75 9.57 -14.93
N ARG A 73 -4.64 9.94 -13.66
CA ARG A 73 -5.80 9.94 -12.75
C ARG A 73 -6.71 11.16 -12.96
N THR A 74 -6.25 12.11 -13.76
CA THR A 74 -7.06 13.29 -14.12
C THR A 74 -7.97 13.04 -15.33
N ASP A 75 -7.72 11.93 -16.02
CA ASP A 75 -8.56 11.50 -17.15
C ASP A 75 -9.95 11.13 -16.64
N ASP A 76 -10.97 11.62 -17.34
CA ASP A 76 -12.38 11.35 -16.97
C ASP A 76 -12.69 9.86 -16.86
N ASN A 77 -12.03 9.06 -17.69
CA ASN A 77 -12.29 7.62 -17.78
C ASN A 77 -11.51 6.76 -16.79
N PHE A 78 -10.69 7.39 -15.95
CA PHE A 78 -9.96 6.66 -14.93
C PHE A 78 -10.92 5.93 -13.99
N PRO A 79 -10.64 4.64 -13.69
CA PRO A 79 -11.55 3.84 -12.89
C PRO A 79 -11.50 4.14 -11.38
N ALA A 80 -12.02 5.31 -11.00
CA ALA A 80 -12.20 5.66 -9.58
C ALA A 80 -13.08 4.62 -8.88
N THR A 81 -12.64 4.17 -7.70
CA THR A 81 -13.29 3.07 -6.99
C THR A 81 -14.20 3.51 -5.83
N SER A 82 -14.07 4.76 -5.42
CA SER A 82 -14.90 5.33 -4.35
C SER A 82 -15.07 6.83 -4.55
N PRO A 83 -16.08 7.45 -3.90
CA PRO A 83 -16.26 8.91 -3.96
C PRO A 83 -15.03 9.68 -3.48
N ALA A 84 -14.31 9.12 -2.51
CA ALA A 84 -13.12 9.76 -1.94
C ALA A 84 -11.99 9.97 -2.95
N PHE A 85 -11.89 9.04 -3.92
CA PHE A 85 -10.85 9.08 -4.94
C PHE A 85 -10.83 10.39 -5.76
N GLU A 86 -11.95 11.10 -5.77
CA GLU A 86 -12.08 12.36 -6.52
C GLU A 86 -11.21 13.52 -5.99
N ALA A 87 -10.51 13.28 -4.88
CA ALA A 87 -9.60 14.27 -4.30
C ALA A 87 -8.17 14.14 -4.84
N VAL A 88 -7.92 13.07 -5.59
CA VAL A 88 -6.65 12.88 -6.29
C VAL A 88 -6.65 13.72 -7.56
N ARG A 89 -7.79 13.75 -8.24
CA ARG A 89 -7.95 14.53 -9.46
C ARG A 89 -8.35 15.99 -9.20
N GLU A 90 -7.76 16.60 -8.18
CA GLU A 90 -8.07 17.98 -7.80
C GLU A 90 -6.80 18.82 -7.62
N SER A 91 -5.71 18.15 -7.25
CA SER A 91 -4.41 18.81 -7.13
C SER A 91 -3.45 18.27 -8.19
N PRO A 92 -2.32 18.97 -8.41
CA PRO A 92 -1.31 18.44 -9.32
C PRO A 92 -0.91 17.02 -8.93
N GLN A 93 -0.66 16.18 -9.93
CA GLN A 93 -0.38 14.78 -9.69
C GLN A 93 1.04 14.58 -9.21
N ALA A 94 1.20 13.72 -8.20
CA ALA A 94 2.50 13.15 -7.88
C ALA A 94 2.80 12.11 -8.96
N PHE A 95 4.05 11.65 -9.05
CA PHE A 95 4.46 10.79 -10.18
C PHE A 95 3.71 9.47 -10.31
N ILE A 96 3.02 9.04 -9.26
CA ILE A 96 2.15 7.85 -9.33
C ILE A 96 1.03 8.05 -10.37
N GLY A 97 0.64 9.30 -10.60
CA GLY A 97 -0.40 9.62 -11.56
C GLY A 97 0.12 10.18 -12.87
N LEU A 98 1.42 10.06 -13.10
CA LEU A 98 2.06 10.53 -14.33
C LEU A 98 2.48 9.39 -15.25
N ASP A 99 2.57 9.69 -16.54
CA ASP A 99 3.08 8.75 -17.54
C ASP A 99 4.47 9.22 -17.99
N PRO A 100 5.27 8.30 -18.59
CA PRO A 100 6.50 8.74 -19.24
C PRO A 100 6.21 9.80 -20.31
N PRO A 101 7.10 10.80 -20.47
CA PRO A 101 8.39 11.00 -19.79
C PRO A 101 8.33 11.79 -18.46
N GLU A 102 7.20 12.39 -18.14
CA GLU A 102 7.06 13.20 -16.91
C GLU A 102 7.26 12.36 -15.66
N HIS A 103 6.71 11.15 -15.67
CA HIS A 103 6.86 10.23 -14.56
C HIS A 103 8.31 10.05 -14.15
N GLY A 104 9.17 9.77 -15.14
CA GLY A 104 10.57 9.49 -14.90
C GLY A 104 11.36 10.66 -14.33
N THR A 105 11.08 11.87 -14.80
CA THR A 105 11.80 13.06 -14.34
C THR A 105 11.52 13.33 -12.86
N ARG A 106 10.28 13.07 -12.44
CA ARG A 106 9.88 13.23 -11.05
C ARG A 106 10.33 12.10 -10.14
N ARG A 107 10.11 10.85 -10.57
CA ARG A 107 10.55 9.70 -9.76
C ARG A 107 12.06 9.77 -9.47
N ARG A 108 12.85 10.11 -10.48
CA ARG A 108 14.32 10.15 -10.32
C ARG A 108 14.80 11.22 -9.34
N MET A 109 13.94 12.18 -9.04
CA MET A 109 14.24 13.17 -7.99
C MET A 109 14.21 12.57 -6.59
N THR A 110 13.61 11.39 -6.46
CA THR A 110 13.39 10.76 -5.16
C THR A 110 14.14 9.44 -4.94
N ILE A 111 14.62 8.83 -6.03
CA ILE A 111 15.17 7.47 -5.96
C ILE A 111 16.39 7.30 -5.06
N SER A 112 17.20 8.35 -4.94
CA SER A 112 18.45 8.29 -4.16
C SER A 112 18.22 7.94 -2.69
N GLU A 113 17.01 8.17 -2.19
CA GLU A 113 16.67 7.91 -0.80
C GLU A 113 16.29 6.44 -0.57
N PHE A 114 16.13 5.70 -1.66
CA PHE A 114 15.56 4.36 -1.60
C PHE A 114 16.47 3.30 -2.23
N THR A 115 17.71 3.68 -2.54
CA THR A 115 18.73 2.76 -3.10
C THR A 115 19.06 1.65 -2.10
N VAL A 116 19.59 0.54 -2.62
CA VAL A 116 20.05 -0.57 -1.77
C VAL A 116 21.09 -0.16 -0.73
N LYS A 117 22.01 0.71 -1.13
CA LYS A 117 23.04 1.21 -0.22
C LYS A 117 22.43 2.01 0.92
N ARG A 118 21.49 2.90 0.59
CA ARG A 118 20.81 3.71 1.60
C ARG A 118 19.95 2.87 2.54
N ILE A 119 19.21 1.91 1.97
CA ILE A 119 18.35 1.03 2.77
C ILE A 119 19.20 0.22 3.77
N LYS A 120 20.30 -0.35 3.28
CA LYS A 120 21.27 -1.05 4.14
C LYS A 120 21.73 -0.17 5.29
N GLY A 121 22.06 1.08 4.97
CA GLY A 121 22.55 2.05 5.96
C GLY A 121 21.51 2.41 7.01
N MET A 122 20.24 2.21 6.66
CA MET A 122 19.13 2.56 7.54
C MET A 122 18.83 1.52 8.62
N ARG A 123 19.38 0.32 8.44
CA ARG A 123 19.07 -0.80 9.33
C ARG A 123 19.25 -0.47 10.83
N PRO A 124 20.43 0.06 11.23
CA PRO A 124 20.61 0.43 12.63
C PRO A 124 19.54 1.41 13.13
N GLU A 125 19.17 2.36 12.28
CA GLU A 125 18.13 3.33 12.59
C GLU A 125 16.75 2.69 12.75
N VAL A 126 16.41 1.78 11.84
CA VAL A 126 15.11 1.10 11.89
C VAL A 126 15.04 0.22 13.15
N GLU A 127 16.12 -0.51 13.40
CA GLU A 127 16.22 -1.35 14.60
C GLU A 127 16.04 -0.55 15.89
N GLU A 128 16.65 0.62 15.95
CA GLU A 128 16.51 1.51 17.12
C GLU A 128 15.05 1.96 17.32
N VAL A 129 14.40 2.37 16.23
CA VAL A 129 13.01 2.84 16.29
C VAL A 129 12.06 1.72 16.72
N VAL A 130 12.23 0.55 16.12
CA VAL A 130 11.39 -0.61 16.41
C VAL A 130 11.45 -1.00 17.89
N HIS A 131 12.66 -1.13 18.41
CA HIS A 131 12.88 -1.51 19.81
C HIS A 131 12.44 -0.44 20.82
N GLY A 132 12.54 0.83 20.40
CA GLY A 132 12.10 1.95 21.23
C GLY A 132 10.61 1.95 21.49
N PHE A 133 9.82 1.82 20.42
CA PHE A 133 8.36 1.76 20.55
C PHE A 133 7.90 0.45 21.18
N LEU A 134 8.65 -0.62 20.92
CA LEU A 134 8.34 -1.94 21.48
C LEU A 134 8.47 -1.98 23.00
N ASP A 135 9.59 -1.50 23.53
CA ASP A 135 9.76 -1.45 24.99
C ASP A 135 8.93 -0.37 25.69
N GLU A 136 8.48 0.63 24.95
CA GLU A 136 7.50 1.58 25.49
C GLU A 136 6.13 0.91 25.64
N MET A 137 5.72 0.16 24.62
CA MET A 137 4.44 -0.55 24.64
C MET A 137 4.41 -1.60 25.75
N LEU A 138 5.48 -2.37 25.85
CA LEU A 138 5.59 -3.46 26.82
C LEU A 138 5.62 -2.96 28.26
N ALA A 139 6.23 -1.79 28.48
CA ALA A 139 6.28 -1.16 29.79
C ALA A 139 4.93 -0.55 30.20
N ALA A 140 4.09 -0.26 29.21
CA ALA A 140 2.76 0.28 29.47
C ALA A 140 1.77 -0.81 29.90
N GLY A 141 2.24 -2.07 29.91
CA GLY A 141 1.44 -3.19 30.38
C GLY A 141 0.51 -3.79 29.35
N PRO A 142 0.26 -5.11 29.43
CA PRO A 142 -0.56 -5.88 28.48
C PRO A 142 -1.96 -5.33 28.25
N THR A 143 -2.59 -5.82 27.18
CA THR A 143 -3.82 -5.26 26.61
C THR A 143 -3.50 -3.91 25.94
N ALA A 144 -2.76 -4.01 24.83
CA ALA A 144 -2.36 -2.86 24.05
C ALA A 144 -3.03 -2.90 22.68
N ASP A 145 -3.14 -1.75 22.05
CA ASP A 145 -3.49 -1.67 20.65
C ASP A 145 -2.19 -1.62 19.86
N LEU A 146 -1.86 -2.73 19.21
CA LEU A 146 -0.61 -2.84 18.45
C LEU A 146 -0.52 -1.80 17.33
N VAL A 147 -1.67 -1.43 16.76
CA VAL A 147 -1.71 -0.46 15.65
C VAL A 147 -1.20 0.93 16.08
N SER A 148 -1.87 1.53 17.05
CA SER A 148 -1.52 2.88 17.53
C SER A 148 -0.21 2.91 18.32
N GLN A 149 0.12 1.80 19.00
CA GLN A 149 1.28 1.78 19.88
C GLN A 149 2.56 1.25 19.25
N PHE A 150 2.48 0.65 18.06
CA PHE A 150 3.64 0.03 17.44
C PHE A 150 3.61 0.04 15.91
N ALA A 151 2.55 -0.53 15.33
CA ALA A 151 2.45 -0.69 13.87
C ALA A 151 2.55 0.62 13.10
N LEU A 152 1.86 1.66 13.58
CA LEU A 152 1.86 2.96 12.90
C LEU A 152 3.04 3.88 13.24
N PRO A 153 3.34 4.08 14.54
CA PRO A 153 4.43 5.01 14.87
C PRO A 153 5.81 4.63 14.33
N VAL A 154 6.10 3.33 14.24
CA VAL A 154 7.39 2.86 13.70
C VAL A 154 7.67 3.35 12.27
N PRO A 155 6.85 2.95 11.27
CA PRO A 155 7.14 3.45 9.92
C PRO A 155 6.97 4.97 9.79
N SER A 156 6.10 5.55 10.62
CA SER A 156 5.92 7.00 10.68
C SER A 156 7.24 7.72 10.99
N MET A 157 7.91 7.31 12.06
CA MET A 157 9.18 7.94 12.45
C MET A 157 10.26 7.76 11.40
N VAL A 158 10.33 6.56 10.83
CA VAL A 158 11.32 6.25 9.78
C VAL A 158 11.12 7.10 8.52
N ILE A 159 9.88 7.16 8.01
CA ILE A 159 9.63 7.94 6.79
C ILE A 159 9.79 9.45 7.04
N CYS A 160 9.45 9.90 8.25
CA CYS A 160 9.62 11.30 8.61
C CYS A 160 11.09 11.73 8.58
N ARG A 161 11.97 10.86 9.07
CA ARG A 161 13.41 11.10 8.99
C ARG A 161 13.93 11.14 7.56
N LEU A 162 13.46 10.22 6.73
CA LEU A 162 13.84 10.18 5.32
C LEU A 162 13.45 11.49 4.62
N LEU A 163 12.25 11.96 4.92
CA LEU A 163 11.67 13.14 4.26
C LEU A 163 12.13 14.48 4.83
N GLY A 164 12.53 14.49 6.11
CA GLY A 164 12.86 15.74 6.79
C GLY A 164 11.64 16.39 7.43
N VAL A 165 10.60 15.59 7.65
CA VAL A 165 9.37 16.02 8.32
C VAL A 165 9.56 15.84 9.83
N PRO A 166 9.36 16.91 10.63
CA PRO A 166 9.59 16.83 12.07
C PRO A 166 8.58 15.93 12.78
N TYR A 167 9.07 14.95 13.51
CA TYR A 167 8.19 14.01 14.20
C TYR A 167 7.40 14.66 15.34
N ALA A 168 7.82 15.83 15.81
CA ALA A 168 7.05 16.57 16.82
C ALA A 168 5.59 16.84 16.39
N ASP A 169 5.36 16.88 15.07
CA ASP A 169 4.04 17.18 14.53
C ASP A 169 3.24 15.91 14.19
N HIS A 170 3.68 14.76 14.71
CA HIS A 170 3.15 13.46 14.30
C HIS A 170 1.65 13.24 14.52
N GLU A 171 1.12 13.74 15.64
CA GLU A 171 -0.32 13.59 15.92
C GLU A 171 -1.16 14.25 14.82
N PHE A 172 -0.71 15.41 14.35
CA PHE A 172 -1.38 16.10 13.25
C PHE A 172 -1.36 15.30 11.94
N PHE A 173 -0.17 15.01 11.42
CA PHE A 173 -0.09 14.38 10.09
C PHE A 173 -0.47 12.90 10.06
N GLN A 174 -0.30 12.19 11.18
CA GLN A 174 -0.79 10.80 11.28
C GLN A 174 -2.32 10.77 11.19
N ASP A 175 -2.98 11.69 11.90
CA ASP A 175 -4.43 11.85 11.82
C ASP A 175 -4.88 12.21 10.41
N ALA A 176 -4.16 13.12 9.76
CA ALA A 176 -4.51 13.59 8.43
C ALA A 176 -4.30 12.49 7.38
N SER A 177 -3.27 11.67 7.58
CA SER A 177 -2.98 10.54 6.70
C SER A 177 -4.12 9.52 6.75
N LYS A 178 -4.52 9.15 7.96
CA LYS A 178 -5.64 8.23 8.16
C LYS A 178 -6.95 8.78 7.57
N ARG A 179 -7.22 10.06 7.83
CA ARG A 179 -8.41 10.73 7.29
C ARG A 179 -8.42 10.73 5.76
N LEU A 180 -7.25 10.94 5.15
CA LEU A 180 -7.15 10.97 3.70
C LEU A 180 -7.37 9.59 3.06
N VAL A 181 -6.59 8.61 3.51
CA VAL A 181 -6.62 7.26 2.92
C VAL A 181 -7.95 6.53 3.20
N GLN A 182 -8.50 6.76 4.39
CA GLN A 182 -9.71 6.06 4.82
C GLN A 182 -10.98 6.90 4.67
N SER A 183 -10.87 8.04 3.99
CA SER A 183 -12.01 8.92 3.74
C SER A 183 -13.12 8.20 2.98
N THR A 184 -14.36 8.52 3.35
CA THR A 184 -15.54 7.85 2.78
C THR A 184 -16.24 8.71 1.71
N ASP A 185 -15.95 10.01 1.73
CA ASP A 185 -16.53 10.94 0.77
C ASP A 185 -15.44 11.85 0.19
N ALA A 186 -15.78 12.57 -0.87
CA ALA A 186 -14.85 13.49 -1.53
C ALA A 186 -14.49 14.68 -0.63
N GLN A 187 -15.48 15.22 0.05
CA GLN A 187 -15.29 16.41 0.90
C GLN A 187 -14.35 16.14 2.07
N SER A 188 -14.52 14.97 2.71
CA SER A 188 -13.66 14.56 3.82
C SER A 188 -12.22 14.35 3.35
N ALA A 189 -12.05 13.79 2.15
CA ALA A 189 -10.73 13.57 1.55
C ALA A 189 -10.04 14.89 1.22
N LEU A 190 -10.77 15.78 0.57
CA LEU A 190 -10.23 17.09 0.19
C LEU A 190 -9.77 17.89 1.42
N THR A 191 -10.51 17.77 2.52
CA THR A 191 -10.17 18.46 3.76
C THR A 191 -8.85 17.94 4.34
N ALA A 192 -8.72 16.62 4.41
CA ALA A 192 -7.49 15.98 4.87
C ALA A 192 -6.30 16.33 3.98
N ARG A 193 -6.54 16.39 2.67
CA ARG A 193 -5.51 16.79 1.71
C ARG A 193 -5.09 18.25 1.91
N ASN A 194 -6.07 19.14 2.03
CA ASN A 194 -5.80 20.56 2.28
C ASN A 194 -5.03 20.77 3.59
N ASP A 195 -5.35 19.98 4.62
CA ASP A 195 -4.64 20.04 5.91
C ASP A 195 -3.17 19.68 5.75
N LEU A 196 -2.90 18.54 5.09
CA LEU A 196 -1.54 18.10 4.82
C LEU A 196 -0.78 19.07 3.93
N ALA A 197 -1.46 19.57 2.89
CA ALA A 197 -0.85 20.48 1.94
C ALA A 197 -0.38 21.78 2.60
N GLY A 198 -1.23 22.37 3.44
CA GLY A 198 -0.88 23.60 4.15
C GLY A 198 0.32 23.41 5.04
N TYR A 199 0.38 22.26 5.71
CA TYR A 199 1.49 21.92 6.60
C TYR A 199 2.80 21.75 5.82
N LEU A 200 2.74 20.97 4.75
CA LEU A 200 3.90 20.73 3.90
C LEU A 200 4.37 22.02 3.23
N ASP A 201 3.41 22.87 2.84
CA ASP A 201 3.71 24.19 2.28
C ASP A 201 4.55 25.04 3.24
N GLY A 202 4.15 25.03 4.53
CA GLY A 202 4.86 25.76 5.57
C GLY A 202 6.28 25.25 5.78
N LEU A 203 6.44 23.93 5.70
CA LEU A 203 7.75 23.29 5.83
C LEU A 203 8.68 23.71 4.70
N ILE A 204 8.15 23.80 3.47
CA ILE A 204 8.92 24.25 2.32
C ILE A 204 9.49 25.66 2.51
N THR A 205 8.65 26.59 2.98
CA THR A 205 9.08 27.97 3.24
C THR A 205 10.17 28.02 4.30
N GLN A 206 10.02 27.20 5.33
CA GLN A 206 11.01 27.05 6.39
C GLN A 206 12.36 26.59 5.82
N PHE A 207 12.31 25.63 4.91
CA PHE A 207 13.50 25.08 4.25
C PHE A 207 14.18 26.10 3.34
N GLN A 208 13.38 26.97 2.73
CA GLN A 208 13.92 28.03 1.86
C GLN A 208 14.73 29.04 2.66
N THR A 209 14.30 29.30 3.89
CA THR A 209 14.98 30.20 4.82
C THR A 209 16.20 29.54 5.45
N GLU A 210 15.99 28.34 5.99
CA GLU A 210 17.05 27.58 6.63
C GLU A 210 17.04 26.16 6.09
N PRO A 211 18.02 25.83 5.22
CA PRO A 211 18.09 24.49 4.65
C PRO A 211 18.10 23.41 5.72
N GLY A 212 17.54 22.25 5.38
CA GLY A 212 17.50 21.13 6.32
C GLY A 212 17.75 19.80 5.64
N ALA A 213 17.93 18.77 6.48
CA ALA A 213 18.16 17.42 6.01
C ALA A 213 16.85 16.81 5.51
N GLY A 214 16.96 15.68 4.82
CA GLY A 214 15.81 14.95 4.33
C GLY A 214 15.51 15.24 2.88
N LEU A 215 14.65 14.42 2.29
CA LEU A 215 14.28 14.55 0.89
C LEU A 215 13.63 15.90 0.60
N VAL A 216 12.68 16.30 1.45
CA VAL A 216 11.99 17.60 1.25
C VAL A 216 13.00 18.75 1.26
N GLY A 217 13.92 18.72 2.23
CA GLY A 217 15.04 19.68 2.32
C GLY A 217 15.84 19.77 1.03
N ALA A 218 16.22 18.61 0.50
CA ALA A 218 16.99 18.51 -0.74
C ALA A 218 16.23 19.03 -1.97
N LEU A 219 14.96 18.64 -2.09
CA LEU A 219 14.12 19.09 -3.21
C LEU A 219 13.91 20.60 -3.21
N VAL A 220 13.80 21.18 -2.03
CA VAL A 220 13.64 22.64 -1.89
C VAL A 220 14.91 23.37 -2.34
N ALA A 221 16.05 22.91 -1.85
CA ALA A 221 17.33 23.56 -2.10
C ALA A 221 17.79 23.38 -3.55
N ASP A 222 17.37 22.29 -4.17
CA ASP A 222 17.84 21.94 -5.51
C ASP A 222 16.77 22.15 -6.59
N GLN A 223 15.93 21.15 -6.81
CA GLN A 223 14.97 21.15 -7.93
C GLN A 223 14.03 22.35 -7.89
N LEU A 224 13.53 22.69 -6.71
CA LEU A 224 12.60 23.81 -6.56
C LEU A 224 13.29 25.15 -6.86
N ALA A 225 14.52 25.30 -6.35
CA ALA A 225 15.32 26.51 -6.60
C ALA A 225 15.68 26.69 -8.08
N ASN A 226 15.67 25.60 -8.83
CA ASN A 226 15.90 25.63 -10.27
C ASN A 226 14.61 25.70 -11.11
N GLY A 227 13.47 25.67 -10.43
CA GLY A 227 12.17 25.68 -11.11
C GLY A 227 11.89 24.39 -11.86
N GLU A 228 12.62 23.33 -11.50
CA GLU A 228 12.52 22.04 -12.18
C GLU A 228 11.33 21.22 -11.67
N ILE A 229 10.80 21.62 -10.52
CA ILE A 229 9.57 21.06 -9.97
C ILE A 229 8.70 22.22 -9.50
N ASP A 230 7.39 22.13 -9.72
CA ASP A 230 6.46 23.13 -9.21
C ASP A 230 6.33 22.97 -7.69
N ARG A 231 6.08 24.06 -7.00
CA ARG A 231 5.87 24.02 -5.55
C ARG A 231 4.75 23.04 -5.18
N GLU A 232 3.64 23.09 -5.89
CA GLU A 232 2.52 22.17 -5.65
C GLU A 232 2.87 20.70 -5.94
N GLU A 233 3.70 20.47 -6.95
CA GLU A 233 4.21 19.12 -7.24
C GLU A 233 5.07 18.58 -6.10
N LEU A 234 5.88 19.44 -5.51
CA LEU A 234 6.72 19.07 -4.38
C LEU A 234 5.84 18.66 -3.19
N ILE A 235 4.80 19.45 -2.94
CA ILE A 235 3.81 19.12 -1.90
C ILE A 235 3.19 17.74 -2.17
N SER A 236 2.70 17.54 -3.39
CA SER A 236 2.07 16.28 -3.79
C SER A 236 3.03 15.10 -3.62
N THR A 237 4.28 15.28 -4.05
CA THR A 237 5.30 14.23 -3.96
C THR A 237 5.58 13.87 -2.49
N ALA A 238 5.84 14.90 -1.68
CA ALA A 238 6.04 14.70 -0.24
C ALA A 238 4.84 13.99 0.40
N MET A 239 3.63 14.40 0.02
CA MET A 239 2.41 13.78 0.55
C MET A 239 2.29 12.29 0.18
N LEU A 240 2.60 11.97 -1.08
CA LEU A 240 2.59 10.58 -1.55
C LEU A 240 3.55 9.71 -0.72
N LEU A 241 4.78 10.18 -0.56
CA LEU A 241 5.80 9.42 0.18
C LEU A 241 5.48 9.31 1.67
N LEU A 242 4.96 10.39 2.23
CA LEU A 242 4.56 10.41 3.64
C LEU A 242 3.47 9.41 3.92
N ILE A 243 2.41 9.44 3.11
CA ILE A 243 1.27 8.55 3.29
C ILE A 243 1.60 7.09 2.98
N ALA A 244 2.27 6.85 1.85
CA ALA A 244 2.72 5.49 1.49
C ALA A 244 3.63 4.91 2.58
N GLY A 245 4.57 5.73 3.05
CA GLY A 245 5.50 5.33 4.10
C GLY A 245 4.85 5.00 5.43
N HIS A 246 3.76 5.68 5.75
CA HIS A 246 2.97 5.45 6.96
C HIS A 246 2.12 4.18 6.86
N GLU A 247 1.19 4.21 5.90
CA GLU A 247 0.04 3.33 5.94
C GLU A 247 0.31 1.90 5.51
N THR A 248 1.24 1.71 4.56
CA THR A 248 1.48 0.40 3.96
C THR A 248 2.15 -0.54 4.95
N THR A 249 3.30 -0.13 5.48
CA THR A 249 4.04 -0.95 6.43
C THR A 249 3.22 -1.21 7.70
N ALA A 250 2.52 -0.20 8.20
CA ALA A 250 1.62 -0.37 9.35
C ALA A 250 0.60 -1.48 9.10
N SER A 251 -0.01 -1.46 7.92
CA SER A 251 -1.01 -2.46 7.53
C SER A 251 -0.39 -3.85 7.42
N MET A 252 0.79 -3.93 6.83
CA MET A 252 1.53 -5.19 6.72
C MET A 252 1.89 -5.76 8.09
N THR A 253 2.31 -4.90 9.03
CA THR A 253 2.66 -5.35 10.37
C THR A 253 1.47 -5.98 11.09
N SER A 254 0.36 -5.26 11.14
CA SER A 254 -0.82 -5.72 11.87
C SER A 254 -1.42 -6.98 11.25
N LEU A 255 -1.56 -6.99 9.94
CA LEU A 255 -2.10 -8.17 9.26
C LEU A 255 -1.15 -9.36 9.32
N SER A 256 0.17 -9.09 9.30
CA SER A 256 1.15 -10.16 9.44
C SER A 256 1.05 -10.84 10.81
N VAL A 257 0.87 -10.04 11.86
CA VAL A 257 0.73 -10.58 13.22
C VAL A 257 -0.49 -11.51 13.29
N ILE A 258 -1.64 -11.02 12.84
CA ILE A 258 -2.89 -11.80 12.78
C ILE A 258 -2.69 -13.11 12.00
N THR A 259 -2.10 -13.00 10.82
CA THR A 259 -1.89 -14.14 9.93
C THR A 259 -0.96 -15.19 10.54
N LEU A 260 0.18 -14.75 11.06
CA LEU A 260 1.16 -15.65 11.67
C LEU A 260 0.62 -16.36 12.92
N LEU A 261 -0.19 -15.65 13.70
CA LEU A 261 -0.84 -16.24 14.88
C LEU A 261 -1.90 -17.28 14.50
N ASP A 262 -2.48 -17.14 13.31
CA ASP A 262 -3.40 -18.16 12.78
C ASP A 262 -2.67 -19.34 12.13
N HIS A 263 -1.36 -19.23 12.00
CA HIS A 263 -0.53 -20.33 11.47
C HIS A 263 0.62 -20.64 12.44
N PRO A 264 0.30 -21.16 13.64
CA PRO A 264 1.28 -21.32 14.72
C PRO A 264 2.52 -22.15 14.39
N GLU A 265 2.35 -23.18 13.56
CA GLU A 265 3.45 -24.06 13.18
C GLU A 265 4.52 -23.33 12.36
N GLN A 266 4.09 -22.50 11.42
CA GLN A 266 5.01 -21.73 10.59
C GLN A 266 5.67 -20.61 11.38
N TYR A 267 4.93 -20.01 12.30
CA TYR A 267 5.46 -18.94 13.15
C TYR A 267 6.53 -19.48 14.11
N ALA A 268 6.28 -20.68 14.64
CA ALA A 268 7.27 -21.39 15.44
C ALA A 268 8.52 -21.69 14.62
N ALA A 269 8.32 -22.19 13.40
CA ALA A 269 9.42 -22.47 12.48
C ALA A 269 10.24 -21.22 12.18
N LEU A 270 9.53 -20.11 12.00
CA LEU A 270 10.14 -18.81 11.77
C LEU A 270 11.05 -18.39 12.92
N ARG A 271 10.55 -18.55 14.16
CA ARG A 271 11.31 -18.21 15.36
C ARG A 271 12.60 -19.02 15.49
N ALA A 272 12.52 -20.31 15.12
CA ALA A 272 13.63 -21.25 15.26
C ALA A 272 14.74 -21.06 14.23
N ASP A 273 14.41 -20.42 13.11
CA ASP A 273 15.36 -20.19 12.02
C ASP A 273 15.09 -18.83 11.38
N ARG A 274 15.82 -17.81 11.85
CA ARG A 274 15.62 -16.43 11.39
C ARG A 274 16.13 -16.19 9.97
N SER A 275 16.88 -17.14 9.40
CA SER A 275 17.28 -17.04 7.99
C SER A 275 16.06 -17.14 7.07
N LEU A 276 14.94 -17.60 7.62
CA LEU A 276 13.68 -17.72 6.89
C LEU A 276 12.87 -16.43 6.83
N VAL A 277 13.25 -15.42 7.61
CA VAL A 277 12.48 -14.17 7.73
C VAL A 277 12.32 -13.40 6.41
N PRO A 278 13.43 -13.14 5.68
CA PRO A 278 13.28 -12.45 4.40
C PRO A 278 12.32 -13.15 3.43
N GLY A 279 12.43 -14.48 3.34
CA GLY A 279 11.51 -15.29 2.53
C GLY A 279 10.07 -15.26 3.05
N ALA A 280 9.90 -15.26 4.37
CA ALA A 280 8.58 -15.18 4.98
C ALA A 280 7.92 -13.82 4.74
N VAL A 281 8.72 -12.77 4.75
CA VAL A 281 8.22 -11.42 4.45
C VAL A 281 7.68 -11.36 3.01
N GLU A 282 8.41 -11.97 2.07
CA GLU A 282 7.93 -12.03 0.67
C GLU A 282 6.63 -12.79 0.56
N GLU A 283 6.53 -13.93 1.25
CA GLU A 283 5.29 -14.72 1.26
C GLU A 283 4.12 -13.92 1.85
N LEU A 284 4.35 -13.22 2.95
CA LEU A 284 3.32 -12.38 3.57
C LEU A 284 2.88 -11.23 2.66
N LEU A 285 3.84 -10.64 1.94
CA LEU A 285 3.54 -9.60 0.96
C LEU A 285 2.63 -10.14 -0.16
N ARG A 286 3.01 -11.28 -0.72
CA ARG A 286 2.21 -11.96 -1.76
C ARG A 286 0.79 -12.26 -1.25
N TYR A 287 0.74 -12.85 -0.07
CA TYR A 287 -0.48 -13.40 0.51
C TYR A 287 -1.46 -12.33 0.99
N LEU A 288 -0.94 -11.24 1.56
CA LEU A 288 -1.79 -10.20 2.15
C LEU A 288 -2.13 -9.09 1.17
N ALA A 289 -1.28 -8.91 0.16
CA ALA A 289 -1.49 -7.93 -0.91
C ALA A 289 -2.33 -6.73 -0.45
N ILE A 290 -1.75 -5.90 0.40
CA ILE A 290 -2.50 -4.85 1.10
C ILE A 290 -2.88 -3.65 0.23
N ALA A 291 -2.23 -3.52 -0.93
CA ALA A 291 -2.60 -2.47 -1.88
C ALA A 291 -3.18 -3.09 -3.14
N ASP A 292 -4.15 -3.99 -2.97
CA ASP A 292 -4.56 -4.87 -4.06
C ASP A 292 -5.29 -4.23 -5.25
N ILE A 293 -5.82 -3.02 -5.06
CA ILE A 293 -6.42 -2.28 -6.16
C ILE A 293 -5.61 -1.05 -6.59
N ALA A 294 -4.35 -0.99 -6.15
CA ALA A 294 -3.42 0.06 -6.56
C ALA A 294 -2.81 -0.29 -7.91
N GLY A 295 -3.69 -0.40 -8.90
CA GLY A 295 -3.31 -0.78 -10.26
C GLY A 295 -4.33 -0.28 -11.25
N GLY A 296 -4.92 0.87 -10.95
CA GLY A 296 -5.91 1.50 -11.85
C GLY A 296 -5.25 2.16 -13.04
N ARG A 297 -5.85 1.96 -14.21
CA ARG A 297 -5.30 2.43 -15.49
C ARG A 297 -6.43 2.83 -16.43
N VAL A 298 -6.10 3.65 -17.42
CA VAL A 298 -7.02 3.95 -18.52
C VAL A 298 -6.35 3.67 -19.86
N ALA A 299 -7.05 2.94 -20.74
CA ALA A 299 -6.55 2.64 -22.06
C ALA A 299 -6.61 3.87 -22.97
N THR A 300 -5.48 4.19 -23.59
CA THR A 300 -5.39 5.31 -24.53
C THR A 300 -5.41 4.81 -25.98
N ALA A 301 -5.45 3.50 -26.13
CA ALA A 301 -5.57 2.83 -27.43
C ALA A 301 -6.18 1.45 -27.18
N ASP A 302 -6.79 0.89 -28.22
CA ASP A 302 -7.34 -0.46 -28.15
C ASP A 302 -6.23 -1.46 -27.83
N ILE A 303 -6.54 -2.40 -26.94
CA ILE A 303 -5.61 -3.45 -26.54
C ILE A 303 -6.31 -4.79 -26.63
N GLU A 304 -5.75 -5.71 -27.42
CA GLU A 304 -6.29 -7.06 -27.43
C GLU A 304 -5.52 -7.95 -26.45
N VAL A 305 -6.27 -8.63 -25.59
CA VAL A 305 -5.70 -9.50 -24.58
C VAL A 305 -6.34 -10.89 -24.67
N GLU A 306 -5.61 -11.82 -25.27
CA GLU A 306 -6.03 -13.23 -25.39
C GLU A 306 -7.46 -13.39 -25.93
N GLY A 307 -7.79 -12.64 -26.98
CA GLY A 307 -9.10 -12.72 -27.62
C GLY A 307 -10.12 -11.70 -27.11
N GLN A 308 -9.82 -11.05 -26.00
CA GLN A 308 -10.68 -10.02 -25.43
C GLN A 308 -10.12 -8.63 -25.78
N LEU A 309 -11.01 -7.70 -26.12
CA LEU A 309 -10.59 -6.36 -26.50
C LEU A 309 -10.85 -5.33 -25.40
N ILE A 310 -9.79 -4.65 -24.98
CA ILE A 310 -9.92 -3.47 -24.15
C ILE A 310 -9.95 -2.29 -25.10
N ARG A 311 -11.05 -1.54 -25.07
CA ARG A 311 -11.22 -0.40 -25.96
C ARG A 311 -10.58 0.84 -25.36
N ALA A 312 -10.09 1.75 -26.22
CA ALA A 312 -9.61 3.05 -25.77
C ALA A 312 -10.69 3.76 -24.98
N GLY A 313 -10.30 4.37 -23.86
CA GLY A 313 -11.23 5.07 -22.99
C GLY A 313 -11.81 4.23 -21.87
N GLU A 314 -11.55 2.92 -21.90
CA GLU A 314 -12.02 2.02 -20.86
C GLU A 314 -11.04 1.95 -19.69
N GLY A 315 -11.59 1.84 -18.48
CA GLY A 315 -10.80 1.70 -17.27
C GLY A 315 -10.43 0.26 -17.03
N VAL A 316 -9.24 0.04 -16.49
CA VAL A 316 -8.70 -1.27 -16.20
C VAL A 316 -8.06 -1.22 -14.80
N ILE A 317 -8.40 -2.18 -13.95
CA ILE A 317 -7.76 -2.29 -12.64
C ILE A 317 -7.03 -3.61 -12.54
N VAL A 318 -5.72 -3.55 -12.38
CA VAL A 318 -4.90 -4.73 -12.19
C VAL A 318 -4.95 -5.11 -10.71
N VAL A 319 -5.65 -6.20 -10.41
CA VAL A 319 -5.91 -6.60 -9.03
C VAL A 319 -4.85 -7.59 -8.57
N ASN A 320 -3.85 -7.08 -7.86
CA ASN A 320 -2.69 -7.89 -7.50
C ASN A 320 -2.93 -8.96 -6.43
N SER A 321 -3.97 -8.81 -5.61
CA SER A 321 -4.32 -9.87 -4.66
C SER A 321 -4.77 -11.10 -5.42
N ILE A 322 -5.72 -10.92 -6.35
CA ILE A 322 -6.22 -12.01 -7.19
C ILE A 322 -5.07 -12.62 -8.02
N ALA A 323 -4.28 -11.75 -8.65
CA ALA A 323 -3.13 -12.19 -9.45
C ALA A 323 -2.10 -12.99 -8.65
N ASN A 324 -1.93 -12.62 -7.38
CA ASN A 324 -1.03 -13.33 -6.47
C ASN A 324 -1.56 -14.68 -6.00
N ARG A 325 -2.82 -14.94 -6.30
CA ARG A 325 -3.45 -16.22 -5.98
C ARG A 325 -3.64 -17.08 -7.25
N ASP A 326 -2.83 -16.80 -8.26
CA ASP A 326 -2.81 -17.55 -9.52
C ASP A 326 -2.08 -18.88 -9.30
N GLY A 327 -2.85 -19.96 -9.26
CA GLY A 327 -2.33 -21.30 -8.99
C GLY A 327 -1.36 -21.87 -10.02
N THR A 328 -1.31 -21.26 -11.20
CA THR A 328 -0.35 -21.65 -12.24
C THR A 328 1.05 -21.11 -11.95
N VAL A 329 1.13 -20.17 -11.00
CA VAL A 329 2.41 -19.56 -10.62
C VAL A 329 2.76 -19.97 -9.19
N TYR A 330 1.76 -19.97 -8.31
CA TYR A 330 1.95 -20.35 -6.91
C TYR A 330 1.09 -21.55 -6.55
N GLU A 331 1.76 -22.69 -6.43
CA GLU A 331 1.14 -23.97 -6.08
C GLU A 331 0.33 -23.85 -4.78
N ASP A 332 -0.93 -24.26 -4.83
CA ASP A 332 -1.91 -24.04 -3.75
C ASP A 332 -1.84 -22.61 -3.26
N PRO A 333 -2.32 -21.67 -4.08
CA PRO A 333 -2.08 -20.25 -3.88
C PRO A 333 -2.66 -19.70 -2.58
N ASP A 334 -3.75 -20.30 -2.10
CA ASP A 334 -4.47 -19.79 -0.93
C ASP A 334 -3.92 -20.29 0.41
N ALA A 335 -2.85 -21.08 0.34
CA ALA A 335 -2.15 -21.54 1.53
C ALA A 335 -0.94 -20.67 1.84
N LEU A 336 -0.85 -20.20 3.08
CA LEU A 336 0.36 -19.51 3.52
C LEU A 336 1.46 -20.55 3.67
N ASP A 337 2.60 -20.29 3.05
CA ASP A 337 3.77 -21.16 3.14
C ASP A 337 5.03 -20.33 3.13
N ILE A 338 5.58 -20.07 4.30
CA ILE A 338 6.77 -19.22 4.45
C ILE A 338 8.02 -19.84 3.81
N HIS A 339 7.93 -21.13 3.47
CA HIS A 339 9.04 -21.83 2.83
C HIS A 339 8.99 -21.78 1.30
N ARG A 340 7.84 -21.39 0.75
CA ARG A 340 7.70 -21.30 -0.72
C ARG A 340 8.53 -20.15 -1.28
N SER A 341 8.76 -20.20 -2.60
CA SER A 341 9.28 -19.04 -3.31
C SER A 341 8.09 -18.17 -3.72
N ALA A 342 7.96 -17.01 -3.09
CA ALA A 342 6.93 -16.05 -3.44
C ALA A 342 7.50 -15.00 -4.40
N ARG A 343 8.65 -15.32 -4.98
CA ARG A 343 9.25 -14.42 -5.96
C ARG A 343 8.33 -14.21 -7.17
N HIS A 344 8.46 -13.05 -7.79
CA HIS A 344 7.64 -12.63 -8.94
C HIS A 344 6.23 -12.15 -8.56
N HIS A 345 5.94 -12.06 -7.26
CA HIS A 345 4.62 -11.60 -6.83
C HIS A 345 4.38 -10.13 -7.22
N LEU A 346 3.11 -9.74 -7.26
CA LEU A 346 2.71 -8.43 -7.73
C LEU A 346 2.23 -7.49 -6.62
N ALA A 347 2.56 -7.80 -5.36
CA ALA A 347 2.13 -6.95 -4.25
C ALA A 347 2.64 -5.52 -4.38
N PHE A 348 3.79 -5.37 -5.04
CA PHE A 348 4.43 -4.07 -5.29
C PHE A 348 4.23 -3.57 -6.73
N GLY A 349 3.33 -4.22 -7.47
CA GLY A 349 3.13 -3.89 -8.89
C GLY A 349 4.26 -4.41 -9.76
N PHE A 350 4.44 -3.79 -10.93
CA PHE A 350 5.41 -4.21 -11.94
C PHE A 350 5.59 -3.08 -12.94
N GLY A 351 6.81 -2.92 -13.43
CA GLY A 351 7.08 -1.95 -14.49
C GLY A 351 7.50 -0.59 -13.95
N VAL A 352 7.17 0.46 -14.68
CA VAL A 352 7.68 1.78 -14.35
C VAL A 352 7.17 2.33 -13.01
N HIS A 353 5.96 1.95 -12.62
CA HIS A 353 5.36 2.39 -11.35
C HIS A 353 5.58 1.41 -10.19
N GLN A 354 6.39 0.38 -10.41
CA GLN A 354 6.68 -0.58 -9.34
C GLN A 354 7.13 0.13 -8.06
N CYS A 355 6.63 -0.33 -6.92
CA CYS A 355 6.79 0.34 -5.63
C CYS A 355 8.20 0.90 -5.38
N LEU A 356 8.28 2.22 -5.19
CA LEU A 356 9.53 2.91 -4.87
C LEU A 356 10.07 2.47 -3.50
N GLY A 357 9.16 2.25 -2.55
CA GLY A 357 9.57 1.96 -1.19
C GLY A 357 9.73 0.49 -0.84
N GLN A 358 9.67 -0.38 -1.86
CA GLN A 358 9.58 -1.83 -1.59
C GLN A 358 10.70 -2.37 -0.72
N ASN A 359 11.92 -1.90 -0.94
CA ASN A 359 13.05 -2.36 -0.13
C ASN A 359 13.12 -1.77 1.27
N LEU A 360 12.55 -0.58 1.43
CA LEU A 360 12.36 -0.01 2.77
C LEU A 360 11.32 -0.84 3.54
N ALA A 361 10.22 -1.17 2.87
CA ALA A 361 9.18 -1.99 3.49
C ALA A 361 9.70 -3.38 3.89
N ARG A 362 10.53 -3.96 3.03
CA ARG A 362 11.14 -5.26 3.32
C ARG A 362 12.04 -5.21 4.55
N LEU A 363 12.88 -4.20 4.62
CA LEU A 363 13.75 -3.99 5.78
C LEU A 363 12.93 -3.83 7.06
N GLU A 364 11.95 -2.93 7.02
CA GLU A 364 11.10 -2.66 8.18
C GLU A 364 10.42 -3.92 8.69
N LEU A 365 9.84 -4.71 7.79
CA LEU A 365 9.09 -5.90 8.19
C LEU A 365 10.01 -6.99 8.76
N GLU A 366 11.18 -7.16 8.15
CA GLU A 366 12.19 -8.09 8.68
C GLU A 366 12.59 -7.69 10.11
N VAL A 367 12.92 -6.42 10.31
CA VAL A 367 13.31 -5.93 11.63
C VAL A 367 12.18 -6.09 12.64
N ILE A 368 10.97 -5.73 12.23
CA ILE A 368 9.76 -5.85 13.06
C ILE A 368 9.51 -7.30 13.51
N LEU A 369 9.53 -8.24 12.57
CA LEU A 369 9.26 -9.64 12.91
C LEU A 369 10.31 -10.25 13.82
N ASN A 370 11.59 -10.03 13.50
CA ASN A 370 12.68 -10.44 14.39
C ASN A 370 12.56 -9.82 15.79
N ALA A 371 12.13 -8.56 15.86
CA ALA A 371 11.99 -7.86 17.14
C ALA A 371 10.87 -8.45 18.01
N LEU A 372 9.72 -8.70 17.38
CA LEU A 372 8.58 -9.29 18.07
C LEU A 372 8.87 -10.70 18.58
N MET A 373 9.59 -11.48 17.78
CA MET A 373 9.97 -12.84 18.16
C MET A 373 11.02 -12.85 19.27
N ASP A 374 11.92 -11.87 19.24
CA ASP A 374 12.95 -11.70 20.27
C ASP A 374 12.38 -11.20 21.60
N ARG A 375 11.56 -10.16 21.53
CA ARG A 375 11.16 -9.39 22.72
C ARG A 375 9.83 -9.84 23.32
N VAL A 376 8.91 -10.29 22.47
CA VAL A 376 7.58 -10.67 22.94
C VAL A 376 7.04 -11.94 22.24
N PRO A 377 7.75 -13.08 22.43
CA PRO A 377 7.33 -14.34 21.80
C PRO A 377 5.94 -14.83 22.26
N THR A 378 5.43 -14.30 23.37
CA THR A 378 4.12 -14.67 23.88
C THR A 378 3.01 -13.73 23.44
N LEU A 379 3.30 -12.88 22.45
CA LEU A 379 2.28 -11.99 21.89
C LEU A 379 1.12 -12.81 21.33
N ARG A 380 -0.10 -12.43 21.68
CA ARG A 380 -1.30 -13.08 21.18
C ARG A 380 -2.40 -12.04 21.09
N LEU A 381 -3.42 -12.33 20.30
CA LEU A 381 -4.60 -11.47 20.20
C LEU A 381 -5.39 -11.52 21.51
N ALA A 382 -5.83 -10.35 21.98
CA ALA A 382 -6.62 -10.25 23.21
C ALA A 382 -8.11 -10.45 22.93
N VAL A 383 -8.45 -10.45 21.64
CA VAL A 383 -9.82 -10.72 21.20
C VAL A 383 -9.78 -11.78 20.10
N PRO A 384 -10.86 -12.57 19.94
CA PRO A 384 -10.92 -13.49 18.80
C PRO A 384 -10.84 -12.75 17.47
N VAL A 385 -10.31 -13.43 16.45
CA VAL A 385 -10.21 -12.88 15.09
C VAL A 385 -11.58 -12.39 14.60
N GLU A 386 -12.63 -13.09 15.03
CA GLU A 386 -14.01 -12.77 14.67
C GLU A 386 -14.48 -11.40 15.16
N GLN A 387 -13.82 -10.86 16.18
CA GLN A 387 -14.20 -9.58 16.78
C GLN A 387 -13.48 -8.36 16.18
N LEU A 388 -12.53 -8.62 15.28
CA LEU A 388 -11.78 -7.56 14.61
C LEU A 388 -12.59 -6.94 13.47
N VAL A 389 -12.32 -5.65 13.19
CA VAL A 389 -12.98 -4.94 12.12
C VAL A 389 -11.98 -4.65 11.01
N LEU A 390 -12.20 -5.27 9.84
CA LEU A 390 -11.34 -5.05 8.69
C LEU A 390 -11.79 -3.84 7.90
N ARG A 391 -10.83 -3.09 7.37
CA ARG A 391 -11.12 -1.97 6.47
C ARG A 391 -11.81 -2.48 5.21
N PRO A 392 -12.63 -1.62 4.56
CA PRO A 392 -13.29 -2.06 3.32
C PRO A 392 -12.30 -2.20 2.16
N GLY A 393 -12.76 -2.77 1.05
CA GLY A 393 -11.91 -3.03 -0.11
C GLY A 393 -11.62 -1.81 -0.96
N THR A 394 -12.15 -0.66 -0.55
CA THR A 394 -11.94 0.61 -1.24
C THR A 394 -10.67 1.34 -0.77
N THR A 395 -10.01 0.80 0.25
CA THR A 395 -8.84 1.44 0.81
C THR A 395 -7.69 0.45 1.02
N ILE A 396 -6.58 0.92 1.60
CA ILE A 396 -5.46 0.04 1.93
C ILE A 396 -5.96 -0.98 2.96
N GLN A 397 -5.72 -2.26 2.70
CA GLN A 397 -6.19 -3.35 3.56
C GLN A 397 -5.57 -3.28 4.94
N GLY A 398 -6.33 -3.70 5.95
CA GLY A 398 -5.81 -3.75 7.32
C GLY A 398 -6.87 -3.61 8.40
N VAL A 399 -6.41 -3.37 9.61
CA VAL A 399 -7.27 -3.12 10.76
C VAL A 399 -6.87 -1.82 11.43
N ASN A 400 -7.86 -1.05 11.90
CA ASN A 400 -7.57 0.19 12.62
C ASN A 400 -7.21 -0.06 14.08
N GLU A 401 -7.67 -1.18 14.61
CA GLU A 401 -7.37 -1.57 15.98
C GLU A 401 -7.00 -3.04 16.07
N LEU A 402 -5.95 -3.34 16.84
CA LEU A 402 -5.53 -4.71 17.07
C LEU A 402 -5.22 -4.96 18.55
N PRO A 403 -6.25 -5.29 19.35
CA PRO A 403 -6.05 -5.61 20.75
C PRO A 403 -5.11 -6.81 20.93
N VAL A 404 -3.99 -6.58 21.60
CA VAL A 404 -3.02 -7.64 21.84
C VAL A 404 -2.64 -7.71 23.31
N THR A 405 -2.24 -8.90 23.75
CA THR A 405 -1.75 -9.09 25.10
C THR A 405 -0.56 -10.05 25.07
N TRP A 406 0.08 -10.22 26.21
CA TRP A 406 1.22 -11.12 26.34
C TRP A 406 1.36 -11.51 27.81
N HIS A 407 2.40 -12.28 28.11
CA HIS A 407 2.66 -12.67 29.49
C HIS A 407 3.89 -11.95 30.02
CHA HEM B . 3.79 2.26 -5.68
CHB HEM B . 2.34 -1.38 -2.82
CHC HEM B . 5.25 0.22 0.73
CHD HEM B . 6.05 4.28 -1.81
C1A HEM B . 3.18 1.09 -5.26
C2A HEM B . 2.39 0.20 -6.08
C3A HEM B . 1.99 -0.80 -5.28
C4A HEM B . 2.51 -0.58 -3.95
CMA HEM B . 1.10 -2.01 -5.73
CAA HEM B . 2.07 0.37 -7.59
CBA HEM B . 0.97 1.39 -7.82
CGA HEM B . 0.61 1.53 -9.29
O1A HEM B . 1.15 0.78 -10.15
O2A HEM B . -0.23 2.41 -9.60
C1B HEM B . 3.04 -1.32 -1.63
C2B HEM B . 3.08 -2.33 -0.59
C3B HEM B . 3.87 -1.90 0.39
C4B HEM B . 4.39 -0.59 0.01
CMB HEM B . 2.33 -3.67 -0.60
CAB HEM B . 4.17 -2.71 1.68
CBB HEM B . 4.47 -2.16 2.86
C1C HEM B . 5.71 1.47 0.38
C2C HEM B . 6.56 2.34 1.17
C3C HEM B . 6.78 3.47 0.48
C4C HEM B . 6.08 3.34 -0.79
CMC HEM B . 7.10 2.01 2.57
CAC HEM B . 7.63 4.66 0.97
CBC HEM B . 7.60 5.86 0.39
C1D HEM B . 5.52 4.12 -3.07
C2D HEM B . 5.57 5.12 -4.12
C3D HEM B . 4.87 4.48 -5.32
C4D HEM B . 4.45 3.17 -4.88
CMD HEM B . 6.20 6.53 -4.06
CAD HEM B . 4.63 5.09 -6.72
CBD HEM B . 5.76 4.61 -7.64
CGD HEM B . 5.61 5.19 -9.02
O1D HEM B . 6.63 5.30 -9.75
O2D HEM B . 4.46 5.52 -9.42
NA HEM B . 3.25 0.58 -3.98
NB HEM B . 3.85 -0.27 -1.23
NC HEM B . 5.45 2.11 -0.82
ND HEM B . 4.86 3.00 -3.57
FE HEM B . 4.58 1.21 -2.48
O2 VDX C . -2.27 15.49 -4.41
O3 VDX C . -5.66 2.19 -5.79
C1 VDX C . -0.96 12.09 -3.36
C2 VDX C . -0.96 13.57 -3.74
C3 VDX C . -2.35 14.10 -4.09
C4 VDX C . -3.33 13.92 -2.92
C5 VDX C . -3.29 12.49 -2.43
C6 VDX C . -4.46 11.89 -2.20
C7 VDX C . -4.59 10.51 -1.72
C8 VDX C . -5.79 10.00 -1.41
C9 VDX C . -7.07 10.81 -1.55
C10 VDX C . -1.97 11.87 -2.26
C11 VDX C . -8.26 9.97 -2.03
C12 VDX C . -8.29 8.52 -1.52
C13 VDX C . -6.95 7.80 -1.69
C14 VDX C . -5.92 8.58 -0.90
C15 VDX C . -4.69 7.69 -0.82
C16 VDX C . -5.31 6.30 -0.70
C17 VDX C . -6.80 6.43 -1.02
C18 VDX C . -6.60 7.70 -3.19
C19 VDX C . -1.63 11.16 -1.20
C20 VDX C . -7.39 5.24 -1.80
C21 VDX C . -8.90 5.15 -1.56
C22 VDX C . -6.71 3.91 -1.45
C23 VDX C . -7.07 2.79 -2.41
C24 VDX C . -5.96 2.48 -3.43
C25 VDX C . -6.20 3.09 -4.81
C26 VDX C . -7.66 3.30 -5.15
C27 VDX C . -5.43 4.40 -4.95
O1 VDX C . -1.34 11.30 -4.50
#